data_3G3R
#
_entry.id   3G3R
#
_cell.length_a   68.260
_cell.length_b   100.970
_cell.length_c   102.370
_cell.angle_alpha   90.00
_cell.angle_beta   90.00
_cell.angle_gamma   90.00
#
_symmetry.space_group_name_H-M   'P 21 21 21'
#
loop_
_entity.id
_entity.type
_entity.pdbx_description
1 polymer 'Vacuolar transporter chaperone 4'
2 non-polymer 'PHOSPHOAMINOPHOSPHONIC ACID-ADENYLATE ESTER'
3 non-polymer 'MANGANESE (II) ION'
4 non-polymer 'SULFATE ION'
5 non-polymer 'SODIUM ION'
6 water water
#
_entity_poly.entity_id   1
_entity_poly.type   'polypeptide(L)'
_entity_poly.pdbx_seq_one_letter_code
;GAMGKQQNFVRQTTKYWVHPDNITELKLIILKHLPVLVFNTNKEFEREDSAITSIYFDNENLDLYYGRLRKDEGAEAHRL
RWYGGMSTDTIFVERKTHREDWTGEKSVKARFALKERHVNDFLKGKYTVDQVFAKMRKEGKKPMNEIENLEALASEIQYV
MLKKKLRPVVRSFYNRTAFQLPGDARVRISLDTELTMVREDNFDGVDRTHKNWRRTDIGVDWPFKQLDDKDICRFPYAVL
EVKLQTQLGQEPPEWVRELVGSHLVEPVPKFSKFIHGVATLLNDKVDSIPFWLPQ
;
_entity_poly.pdbx_strand_id   A,B
#
loop_
_chem_comp.id
_chem_comp.type
_chem_comp.name
_chem_comp.formula
ANP non-polymer 'PHOSPHOAMINOPHOSPHONIC ACID-ADENYLATE ESTER' 'C10 H17 N6 O12 P3'
MN non-polymer 'MANGANESE (II) ION' 'Mn 2'
NA non-polymer 'SODIUM ION' 'Na 1'
SO4 non-polymer 'SULFATE ION' 'O4 S -2'
#
# COMPACT_ATOMS: atom_id res chain seq x y z
N VAL A 10 11.16 -15.31 -24.04
CA VAL A 10 11.47 -14.05 -24.72
C VAL A 10 10.70 -12.87 -24.12
N ARG A 11 11.44 -11.94 -23.51
CA ARG A 11 10.82 -10.80 -22.83
C ARG A 11 10.97 -9.49 -23.60
N GLN A 12 9.87 -8.76 -23.74
CA GLN A 12 9.89 -7.45 -24.40
C GLN A 12 9.39 -6.32 -23.49
N THR A 13 9.98 -5.13 -23.64
CA THR A 13 9.55 -3.93 -22.93
C THR A 13 9.33 -2.77 -23.90
N THR A 14 8.17 -2.13 -23.81
CA THR A 14 7.89 -0.99 -24.65
C THR A 14 7.23 0.13 -23.84
N LYS A 15 7.39 1.37 -24.31
CA LYS A 15 6.93 2.55 -23.59
C LYS A 15 6.03 3.41 -24.47
N TYR A 16 5.03 4.05 -23.86
CA TYR A 16 4.05 4.84 -24.59
C TYR A 16 3.68 6.10 -23.83
N TRP A 17 3.30 7.13 -24.57
CA TRP A 17 2.70 8.32 -23.96
C TRP A 17 1.19 8.26 -24.05
N VAL A 18 0.52 8.68 -22.99
CA VAL A 18 -0.93 8.63 -22.94
C VAL A 18 -1.50 10.02 -22.62
N HIS A 19 -2.29 10.57 -23.53
CA HIS A 19 -2.90 11.87 -23.34
C HIS A 19 -3.84 11.81 -22.13
N PRO A 20 -3.88 12.88 -21.33
CA PRO A 20 -4.71 12.95 -20.11
C PRO A 20 -6.18 12.62 -20.38
N ASP A 21 -6.62 12.77 -21.62
CA ASP A 21 -8.01 12.46 -21.98
C ASP A 21 -8.26 10.96 -22.08
N ASN A 22 -7.19 10.19 -22.27
CA ASN A 22 -7.34 8.75 -22.45
C ASN A 22 -6.88 7.92 -21.26
N ILE A 23 -6.48 8.59 -20.17
CA ILE A 23 -5.92 7.88 -19.04
C ILE A 23 -6.95 6.95 -18.41
N THR A 24 -8.13 7.48 -18.14
CA THR A 24 -9.15 6.70 -17.46
C THR A 24 -9.63 5.51 -18.31
N GLU A 25 -10.01 5.78 -19.55
CA GLU A 25 -10.40 4.72 -20.47
C GLU A 25 -9.34 3.61 -20.55
N LEU A 26 -8.08 4.00 -20.63
CA LEU A 26 -6.97 3.05 -20.63
C LEU A 26 -6.91 2.24 -19.33
N LYS A 27 -7.13 2.91 -18.20
CA LYS A 27 -7.14 2.23 -16.92
C LYS A 27 -8.21 1.14 -16.88
N LEU A 28 -9.43 1.50 -17.27
CA LEU A 28 -10.53 0.54 -17.28
C LEU A 28 -10.20 -0.72 -18.10
N ILE A 29 -9.55 -0.55 -19.25
CA ILE A 29 -9.17 -1.70 -20.06
C ILE A 29 -8.20 -2.59 -19.31
N ILE A 30 -7.12 -2.02 -18.82
CA ILE A 30 -6.10 -2.80 -18.13
C ILE A 30 -6.63 -3.56 -16.91
N LEU A 31 -7.43 -2.88 -16.09
CA LEU A 31 -7.89 -3.48 -14.84
C LEU A 31 -8.87 -4.62 -15.07
N LYS A 32 -9.31 -4.77 -16.31
CA LYS A 32 -10.18 -5.87 -16.69
C LYS A 32 -9.41 -7.19 -16.58
N HIS A 33 -8.09 -7.11 -16.77
CA HIS A 33 -7.29 -8.32 -16.87
C HIS A 33 -6.32 -8.49 -15.71
N LEU A 34 -5.98 -7.40 -15.03
CA LEU A 34 -4.95 -7.48 -14.01
C LEU A 34 -5.32 -6.77 -12.71
N PRO A 35 -4.81 -7.30 -11.59
CA PRO A 35 -4.99 -6.67 -10.29
C PRO A 35 -4.04 -5.49 -10.14
N VAL A 36 -4.30 -4.62 -9.18
CA VAL A 36 -3.35 -3.60 -8.80
C VAL A 36 -2.65 -4.05 -7.52
N LEU A 37 -1.33 -3.92 -7.50
CA LEU A 37 -0.54 -4.26 -6.31
C LEU A 37 -0.68 -3.21 -5.23
N VAL A 38 -0.84 -3.66 -3.99
CA VAL A 38 -0.88 -2.78 -2.83
C VAL A 38 0.10 -3.30 -1.79
N PHE A 39 0.50 -2.45 -0.86
CA PHE A 39 1.59 -2.81 0.04
C PHE A 39 1.24 -2.69 1.53
N ASN A 40 0.03 -2.23 1.83
CA ASN A 40 -0.49 -2.29 3.20
C ASN A 40 -1.41 -3.50 3.35
N THR A 41 -1.39 -4.12 4.52
CA THR A 41 -2.11 -5.39 4.71
C THR A 41 -3.63 -5.23 4.85
N ASN A 42 -4.08 -4.05 5.20
CA ASN A 42 -5.50 -3.74 5.18
C ASN A 42 -5.94 -3.27 3.80
N LYS A 43 -5.02 -3.37 2.84
CA LYS A 43 -5.29 -3.03 1.44
C LYS A 43 -5.80 -1.60 1.29
N GLU A 44 -5.38 -0.73 2.19
CA GLU A 44 -5.69 0.69 2.05
C GLU A 44 -4.40 1.42 1.69
N PHE A 45 -4.53 2.56 1.02
CA PHE A 45 -3.35 3.33 0.64
C PHE A 45 -3.58 4.83 0.70
N GLU A 46 -2.50 5.57 0.96
CA GLU A 46 -2.56 7.03 1.02
C GLU A 46 -1.91 7.65 -0.21
N ARG A 47 -2.14 8.94 -0.42
CA ARG A 47 -1.64 9.63 -1.61
C ARG A 47 -0.17 9.31 -1.90
N GLU A 48 0.67 9.41 -0.87
CA GLU A 48 2.12 9.24 -1.01
C GLU A 48 2.60 7.81 -1.31
N ASP A 49 1.75 6.81 -1.08
CA ASP A 49 2.12 5.41 -1.35
C ASP A 49 2.52 5.16 -2.82
N SER A 50 1.92 5.91 -3.73
CA SER A 50 2.19 5.73 -5.16
C SER A 50 3.43 6.48 -5.65
N ALA A 51 4.01 7.31 -4.79
CA ALA A 51 5.18 8.13 -5.16
C ALA A 51 6.45 7.32 -5.42
N ILE A 52 7.09 7.63 -6.55
CA ILE A 52 8.45 7.15 -6.80
C ILE A 52 9.36 8.33 -7.16
N THR A 53 10.42 8.54 -6.41
CA THR A 53 11.34 9.63 -6.69
C THR A 53 12.77 9.11 -6.95
N SER A 54 13.37 9.57 -8.03
CA SER A 54 14.75 9.16 -8.31
C SER A 54 15.63 10.38 -8.51
N ILE A 55 16.83 10.36 -7.94
CA ILE A 55 17.80 11.43 -8.18
C ILE A 55 18.88 10.90 -9.11
N TYR A 56 18.93 11.43 -10.34
CA TYR A 56 19.93 10.98 -11.29
C TYR A 56 21.21 11.76 -11.13
N PHE A 57 22.32 11.03 -11.15
CA PHE A 57 23.65 11.62 -11.08
C PHE A 57 24.33 11.67 -12.44
N ASP A 58 25.04 12.76 -12.68
CA ASP A 58 25.93 12.88 -13.83
C ASP A 58 27.00 13.90 -13.44
N ASN A 59 27.99 14.07 -14.30
CA ASN A 59 29.00 15.10 -14.06
C ASN A 59 28.74 16.33 -14.92
N GLU A 60 29.58 17.34 -14.77
CA GLU A 60 29.37 18.63 -15.42
C GLU A 60 29.46 18.56 -16.97
N ASN A 61 30.17 17.58 -17.50
CA ASN A 61 30.22 17.38 -18.94
C ASN A 61 29.02 16.57 -19.43
N LEU A 62 28.22 16.11 -18.48
CA LEU A 62 27.08 15.26 -18.78
C LEU A 62 27.48 13.97 -19.49
N ASP A 63 28.57 13.36 -19.04
CA ASP A 63 29.03 12.13 -19.65
C ASP A 63 27.95 11.04 -19.71
N LEU A 64 27.28 10.80 -18.58
CA LEU A 64 26.34 9.68 -18.52
C LEU A 64 25.13 9.93 -19.41
N TYR A 65 24.70 11.18 -19.48
CA TYR A 65 23.61 11.58 -20.38
C TYR A 65 23.90 11.27 -21.86
N TYR A 66 25.04 11.74 -22.37
CA TYR A 66 25.42 11.44 -23.74
C TYR A 66 25.60 9.93 -23.99
N GLY A 67 26.16 9.22 -23.04
CA GLY A 67 26.30 7.76 -23.16
C GLY A 67 24.97 7.06 -23.33
N ARG A 68 23.99 7.44 -22.52
CA ARG A 68 22.66 6.84 -22.59
C ARG A 68 21.95 7.27 -23.86
N LEU A 69 22.10 8.55 -24.22
CA LEU A 69 21.47 9.09 -25.43
C LEU A 69 21.86 8.27 -26.66
N ARG A 70 23.16 8.12 -26.88
CA ARG A 70 23.73 7.37 -28.00
CA ARG A 70 23.63 7.38 -28.05
C ARG A 70 23.56 5.86 -27.86
N LYS A 71 23.17 5.41 -26.68
CA LYS A 71 23.04 4.00 -26.44
C LYS A 71 24.38 3.30 -26.61
N ASP A 72 25.46 3.90 -26.12
CA ASP A 72 26.73 3.18 -26.04
C ASP A 72 26.52 1.84 -25.32
N GLU A 73 27.24 0.81 -25.78
CA GLU A 73 27.21 -0.47 -25.12
C GLU A 73 27.79 -0.31 -23.71
N GLY A 74 27.05 -0.78 -22.72
CA GLY A 74 27.44 -0.62 -21.32
C GLY A 74 27.25 0.77 -20.74
N ALA A 75 26.59 1.67 -21.46
CA ALA A 75 26.34 3.03 -20.95
C ALA A 75 25.56 2.95 -19.64
N GLU A 76 26.10 3.54 -18.57
CA GLU A 76 25.43 3.49 -17.26
C GLU A 76 24.61 4.74 -16.94
N ALA A 77 23.47 4.53 -16.27
CA ALA A 77 22.75 5.60 -15.58
C ALA A 77 22.75 5.27 -14.07
N HIS A 78 23.01 6.27 -13.24
CA HIS A 78 23.07 6.08 -11.78
C HIS A 78 22.02 6.96 -11.13
N ARG A 79 21.19 6.36 -10.28
CA ARG A 79 20.16 7.10 -9.57
C ARG A 79 19.92 6.56 -8.16
N LEU A 80 19.52 7.47 -7.28
CA LEU A 80 19.20 7.11 -5.90
C LEU A 80 17.69 7.30 -5.78
N ARG A 81 17.00 6.23 -5.44
CA ARG A 81 15.57 6.22 -5.56
C ARG A 81 14.95 5.89 -4.19
N TRP A 82 13.77 6.45 -3.91
CA TRP A 82 12.96 6.05 -2.76
C TRP A 82 11.48 6.03 -3.17
N TYR A 83 10.71 5.20 -2.47
CA TYR A 83 9.28 5.00 -2.73
C TYR A 83 8.48 5.61 -1.58
N GLY A 84 7.37 6.25 -1.90
CA GLY A 84 6.55 6.88 -0.88
C GLY A 84 7.03 8.26 -0.47
N GLY A 85 6.62 8.67 0.72
CA GLY A 85 6.84 10.03 1.17
C GLY A 85 8.18 10.30 1.80
N MET A 86 8.33 11.49 2.36
CA MET A 86 9.61 11.93 2.91
C MET A 86 10.01 11.23 4.21
N SER A 87 9.11 10.44 4.79
CA SER A 87 9.47 9.63 5.97
C SER A 87 10.19 8.34 5.56
N THR A 88 10.21 8.05 4.26
CA THR A 88 10.90 6.85 3.81
C THR A 88 12.40 6.97 4.06
N ASP A 89 12.96 5.94 4.67
CA ASP A 89 14.33 5.95 5.15
C ASP A 89 15.24 5.06 4.31
N THR A 90 14.63 4.20 3.50
CA THR A 90 15.40 3.28 2.70
C THR A 90 15.62 3.88 1.33
N ILE A 91 16.88 4.05 0.95
CA ILE A 91 17.21 4.64 -0.34
C ILE A 91 17.90 3.59 -1.19
N PHE A 92 17.36 3.37 -2.39
CA PHE A 92 17.95 2.35 -3.25
C PHE A 92 18.97 2.99 -4.18
N VAL A 93 20.19 2.48 -4.13
CA VAL A 93 21.25 2.99 -4.98
C VAL A 93 21.23 2.15 -6.24
N GLU A 94 20.80 2.72 -7.36
CA GLU A 94 20.49 1.91 -8.55
C GLU A 94 21.40 2.25 -9.72
N ARG A 95 21.77 1.23 -10.49
CA ARG A 95 22.59 1.40 -11.67
C ARG A 95 21.91 0.63 -12.80
N LYS A 96 21.66 1.32 -13.90
CA LYS A 96 20.98 0.71 -15.04
C LYS A 96 21.99 0.68 -16.16
N THR A 97 22.16 -0.47 -16.82
CA THR A 97 23.22 -0.64 -17.82
C THR A 97 22.65 -1.04 -19.18
N HIS A 98 22.99 -0.30 -20.22
CA HIS A 98 22.53 -0.65 -21.57
C HIS A 98 23.36 -1.76 -22.21
N ARG A 99 22.70 -2.83 -22.65
CA ARG A 99 23.36 -3.96 -23.30
C ARG A 99 22.88 -4.16 -24.73
N GLU A 100 23.82 -4.55 -25.61
CA GLU A 100 23.52 -4.85 -27.02
C GLU A 100 24.35 -6.04 -27.48
N ASP A 101 23.74 -6.96 -28.21
CA ASP A 101 24.47 -8.08 -28.80
C ASP A 101 23.69 -8.65 -29.98
N TRP A 102 24.03 -9.87 -30.38
CA TRP A 102 23.38 -10.53 -31.51
C TRP A 102 21.87 -10.63 -31.32
N THR A 103 21.46 -10.99 -30.11
CA THR A 103 20.04 -11.21 -29.80
C THR A 103 19.22 -9.93 -29.86
N GLY A 104 19.88 -8.79 -29.76
CA GLY A 104 19.21 -7.51 -29.75
C GLY A 104 19.67 -6.64 -28.59
N GLU A 105 18.74 -5.92 -27.98
CA GLU A 105 19.04 -5.01 -26.87
C GLU A 105 18.39 -5.47 -25.56
N LYS A 106 18.92 -4.97 -24.45
CA LYS A 106 18.26 -5.09 -23.15
C LYS A 106 18.80 -4.11 -22.12
N SER A 107 18.10 -4.01 -20.99
CA SER A 107 18.50 -3.14 -19.90
C SER A 107 18.78 -3.99 -18.68
N VAL A 108 19.93 -3.78 -18.07
CA VAL A 108 20.30 -4.51 -16.87
C VAL A 108 20.29 -3.55 -15.67
N LYS A 109 19.42 -3.83 -14.70
CA LYS A 109 19.34 -3.03 -13.47
C LYS A 109 19.97 -3.75 -12.28
N ALA A 110 20.79 -3.03 -11.52
CA ALA A 110 21.34 -3.53 -10.27
C ALA A 110 21.18 -2.47 -9.18
N ARG A 111 20.88 -2.88 -7.95
CA ARG A 111 20.73 -1.93 -6.84
C ARG A 111 21.14 -2.56 -5.52
N PHE A 112 21.41 -1.71 -4.53
CA PHE A 112 21.53 -2.14 -3.15
C PHE A 112 20.93 -1.03 -2.30
N ALA A 113 20.55 -1.37 -1.07
CA ALA A 113 19.80 -0.43 -0.25
C ALA A 113 20.71 0.27 0.76
N LEU A 114 20.42 1.54 1.01
CA LEU A 114 21.21 2.34 1.94
C LEU A 114 20.27 3.16 2.81
N LYS A 115 20.55 3.23 4.11
CA LYS A 115 19.85 4.15 5.00
C LYS A 115 20.12 5.60 4.58
N GLU A 116 19.08 6.44 4.60
CA GLU A 116 19.22 7.83 4.14
C GLU A 116 20.40 8.55 4.78
N ARG A 117 20.61 8.34 6.08
CA ARG A 117 21.63 9.10 6.80
C ARG A 117 23.07 8.71 6.44
N HIS A 118 23.23 7.63 5.68
CA HIS A 118 24.55 7.19 5.24
C HIS A 118 24.87 7.60 3.80
N VAL A 119 23.87 8.11 3.09
CA VAL A 119 24.02 8.36 1.67
C VAL A 119 25.15 9.33 1.33
N ASN A 120 25.11 10.56 1.86
CA ASN A 120 26.20 11.51 1.57
C ASN A 120 27.58 10.94 1.87
N ASP A 121 27.73 10.30 3.02
CA ASP A 121 29.03 9.79 3.44
C ASP A 121 29.53 8.70 2.51
N PHE A 122 28.60 7.88 2.02
CA PHE A 122 28.97 6.83 1.09
C PHE A 122 29.40 7.41 -0.26
N LEU A 123 28.65 8.39 -0.76
CA LEU A 123 28.97 8.97 -2.07
C LEU A 123 30.32 9.70 -2.04
N LYS A 124 30.73 10.24 -0.88
CA LYS A 124 32.03 10.89 -0.77
C LYS A 124 33.17 9.92 -0.51
N GLY A 125 32.84 8.64 -0.34
CA GLY A 125 33.84 7.64 -0.05
C GLY A 125 34.36 7.73 1.38
N LYS A 126 33.57 8.31 2.29
CA LYS A 126 33.97 8.34 3.70
C LYS A 126 33.44 7.12 4.45
N TYR A 127 32.25 6.66 4.05
CA TYR A 127 31.63 5.46 4.56
C TYR A 127 31.97 4.37 3.56
N THR A 128 32.81 3.41 3.94
CA THR A 128 33.28 2.40 3.01
C THR A 128 32.22 1.34 2.73
N VAL A 129 32.45 0.58 1.65
CA VAL A 129 31.54 -0.49 1.30
C VAL A 129 31.53 -1.56 2.39
N ASP A 130 32.72 -1.87 2.93
CA ASP A 130 32.78 -2.76 4.08
C ASP A 130 31.92 -2.25 5.25
N GLN A 131 32.12 -0.99 5.62
CA GLN A 131 31.29 -0.37 6.65
C GLN A 131 29.81 -0.41 6.26
N VAL A 132 29.51 -0.18 4.98
CA VAL A 132 28.14 -0.20 4.51
C VAL A 132 27.47 -1.55 4.81
N PHE A 133 28.18 -2.65 4.56
CA PHE A 133 27.59 -3.98 4.68
C PHE A 133 27.95 -4.72 5.97
N ALA A 134 28.62 -4.06 6.91
CA ALA A 134 29.01 -4.68 8.18
C ALA A 134 27.81 -5.31 8.90
N LYS A 135 26.75 -4.53 9.09
CA LYS A 135 25.53 -5.05 9.71
C LYS A 135 24.92 -6.21 8.93
N MET A 136 24.95 -6.16 7.60
CA MET A 136 24.36 -7.23 6.79
C MET A 136 25.12 -8.56 6.91
N ARG A 137 26.44 -8.46 6.98
CA ARG A 137 27.29 -9.64 7.19
C ARG A 137 27.10 -10.25 8.58
N LYS A 138 27.10 -9.40 9.60
CA LYS A 138 26.91 -9.82 10.97
C LYS A 138 25.59 -10.58 11.15
N GLU A 139 24.56 -10.13 10.46
CA GLU A 139 23.26 -10.78 10.55
C GLU A 139 23.26 -12.22 10.07
N GLY A 140 23.96 -12.48 8.97
CA GLY A 140 24.08 -13.83 8.44
C GLY A 140 22.81 -14.37 7.79
N LYS A 141 21.86 -13.47 7.50
CA LYS A 141 20.62 -13.86 6.84
C LYS A 141 20.81 -14.17 5.34
N LYS A 142 21.46 -13.27 4.61
CA LYS A 142 21.69 -13.48 3.19
C LYS A 142 22.96 -14.27 2.91
N PRO A 143 22.88 -15.23 1.98
CA PRO A 143 24.02 -16.10 1.60
C PRO A 143 25.28 -15.27 1.33
N MET A 144 26.44 -15.82 1.65
CA MET A 144 27.70 -15.08 1.55
C MET A 144 28.02 -14.59 0.15
N ASN A 145 27.84 -15.45 -0.86
CA ASN A 145 28.13 -15.07 -2.24
C ASN A 145 27.26 -13.91 -2.70
N GLU A 146 25.98 -13.93 -2.33
CA GLU A 146 25.07 -12.84 -2.67
C GLU A 146 25.52 -11.55 -2.02
N ILE A 147 26.01 -11.64 -0.79
CA ILE A 147 26.56 -10.46 -0.13
C ILE A 147 27.80 -9.96 -0.84
N GLU A 148 28.70 -10.86 -1.25
CA GLU A 148 29.94 -10.48 -1.92
C GLU A 148 29.65 -9.77 -3.26
N ASN A 149 28.64 -10.26 -3.95
CA ASN A 149 28.22 -9.67 -5.20
C ASN A 149 27.55 -8.30 -5.02
N LEU A 150 26.84 -8.12 -3.91
CA LEU A 150 26.28 -6.82 -3.58
C LEU A 150 27.40 -5.82 -3.25
N GLU A 151 28.39 -6.27 -2.48
CA GLU A 151 29.51 -5.43 -2.11
C GLU A 151 30.30 -5.01 -3.35
N ALA A 152 30.51 -5.95 -4.25
CA ALA A 152 31.19 -5.65 -5.51
C ALA A 152 30.44 -4.56 -6.30
N LEU A 153 29.11 -4.65 -6.36
CA LEU A 153 28.28 -3.61 -6.98
C LEU A 153 28.44 -2.23 -6.31
N ALA A 154 28.36 -2.20 -4.98
CA ALA A 154 28.53 -0.95 -4.26
C ALA A 154 29.91 -0.37 -4.49
N SER A 155 30.93 -1.20 -4.51
CA SER A 155 32.29 -0.70 -4.76
C SER A 155 32.39 -0.10 -6.15
N GLU A 156 31.75 -0.75 -7.12
CA GLU A 156 31.79 -0.30 -8.52
C GLU A 156 31.07 1.04 -8.62
N ILE A 157 29.93 1.15 -7.96
CA ILE A 157 29.17 2.38 -8.00
C ILE A 157 29.93 3.49 -7.30
N GLN A 158 30.43 3.20 -6.11
CA GLN A 158 31.17 4.23 -5.38
C GLN A 158 32.39 4.69 -6.17
N TYR A 159 33.06 3.75 -6.81
CA TYR A 159 34.20 4.07 -7.65
C TYR A 159 33.85 5.05 -8.79
N VAL A 160 32.80 4.75 -9.55
CA VAL A 160 32.42 5.62 -10.66
C VAL A 160 31.96 7.00 -10.18
N MET A 161 31.16 7.02 -9.12
CA MET A 161 30.74 8.27 -8.52
C MET A 161 31.94 9.16 -8.19
N LEU A 162 32.98 8.57 -7.61
CA LEU A 162 34.17 9.35 -7.28
C LEU A 162 35.04 9.60 -8.51
N LYS A 163 35.28 8.57 -9.31
CA LYS A 163 36.11 8.69 -10.51
C LYS A 163 35.56 9.68 -11.54
N LYS A 164 34.29 9.54 -11.89
CA LYS A 164 33.65 10.44 -12.86
C LYS A 164 33.13 11.73 -12.25
N LYS A 165 33.33 11.90 -10.94
CA LYS A 165 32.88 13.08 -10.20
C LYS A 165 31.40 13.40 -10.37
N LEU A 166 30.57 12.37 -10.34
CA LEU A 166 29.13 12.53 -10.41
C LEU A 166 28.54 13.38 -9.27
N ARG A 167 27.40 13.99 -9.54
CA ARG A 167 26.63 14.73 -8.54
C ARG A 167 25.17 14.72 -8.97
N PRO A 168 24.25 15.13 -8.07
CA PRO A 168 22.84 15.19 -8.45
C PRO A 168 22.64 16.13 -9.63
N VAL A 169 21.86 15.70 -10.62
CA VAL A 169 21.64 16.52 -11.80
C VAL A 169 20.16 16.75 -12.09
N VAL A 170 19.37 15.68 -12.13
CA VAL A 170 17.95 15.82 -12.32
C VAL A 170 17.14 14.83 -11.46
N ARG A 171 15.99 15.28 -10.98
CA ARG A 171 15.08 14.42 -10.24
C ARG A 171 13.90 14.05 -11.13
N SER A 172 13.50 12.78 -11.14
CA SER A 172 12.21 12.45 -11.73
C SER A 172 11.23 12.14 -10.59
N PHE A 173 9.99 12.59 -10.74
CA PHE A 173 8.94 12.21 -9.80
C PHE A 173 7.73 11.75 -10.56
N TYR A 174 7.06 10.75 -10.03
CA TYR A 174 5.80 10.32 -10.60
C TYR A 174 5.04 9.43 -9.63
N ASN A 175 3.74 9.29 -9.87
CA ASN A 175 2.95 8.28 -9.19
C ASN A 175 2.82 7.12 -10.12
N ARG A 176 3.07 5.93 -9.61
CA ARG A 176 3.04 4.75 -10.45
C ARG A 176 1.96 3.80 -9.97
N THR A 177 1.14 3.32 -10.91
CA THR A 177 0.24 2.22 -10.62
C THR A 177 0.79 0.96 -11.27
N ALA A 178 0.88 -0.11 -10.50
CA ALA A 178 1.41 -1.37 -11.02
C ALA A 178 0.31 -2.41 -11.19
N PHE A 179 0.02 -2.74 -12.44
CA PHE A 179 -0.94 -3.78 -12.76
C PHE A 179 -0.20 -5.10 -13.01
N GLN A 180 -0.53 -6.10 -12.23
CA GLN A 180 0.30 -7.30 -12.18
C GLN A 180 -0.40 -8.41 -11.40
N LEU A 181 -0.54 -9.57 -12.03
CA LEU A 181 -1.04 -10.75 -11.32
C LEU A 181 0.15 -11.51 -10.76
N PRO A 182 0.40 -11.38 -9.45
CA PRO A 182 1.57 -11.99 -8.79
C PRO A 182 1.68 -13.46 -9.11
N GLY A 183 2.91 -13.96 -9.27
CA GLY A 183 3.13 -15.34 -9.64
C GLY A 183 2.84 -15.57 -11.11
N ASP A 184 2.67 -14.47 -11.84
CA ASP A 184 2.47 -14.52 -13.28
C ASP A 184 3.05 -13.25 -13.91
N ALA A 185 4.32 -13.33 -14.30
CA ALA A 185 5.02 -12.17 -14.87
C ALA A 185 4.98 -12.16 -16.39
N ARG A 186 4.13 -13.00 -16.98
CA ARG A 186 3.97 -13.03 -18.42
C ARG A 186 3.59 -11.64 -18.93
N VAL A 187 2.92 -10.88 -18.08
CA VAL A 187 2.51 -9.53 -18.43
C VAL A 187 2.54 -8.62 -17.20
N ARG A 188 3.25 -7.50 -17.33
CA ARG A 188 3.32 -6.50 -16.28
C ARG A 188 3.21 -5.10 -16.86
N ILE A 189 2.31 -4.30 -16.33
CA ILE A 189 2.03 -2.97 -16.85
C ILE A 189 2.13 -1.92 -15.76
N SER A 190 2.79 -0.81 -16.08
CA SER A 190 2.87 0.30 -15.14
C SER A 190 2.40 1.59 -15.81
N LEU A 191 1.60 2.36 -15.08
CA LEU A 191 1.16 3.65 -15.56
C LEU A 191 1.73 4.72 -14.65
N ASP A 192 2.41 5.69 -15.25
CA ASP A 192 3.04 6.74 -14.48
C ASP A 192 2.37 8.07 -14.79
N THR A 193 1.89 8.73 -13.74
CA THR A 193 1.19 10.00 -13.85
C THR A 193 1.89 11.03 -12.97
N GLU A 194 1.52 12.30 -13.12
CA GLU A 194 2.17 13.39 -12.38
C GLU A 194 3.68 13.45 -12.66
N LEU A 195 4.09 12.87 -13.78
CA LEU A 195 5.50 12.80 -14.14
C LEU A 195 6.12 14.20 -14.16
N THR A 196 7.17 14.38 -13.38
CA THR A 196 7.80 15.67 -13.27
C THR A 196 9.31 15.49 -13.25
N MET A 197 10.03 16.42 -13.88
CA MET A 197 11.48 16.44 -13.76
C MET A 197 11.92 17.74 -13.13
N VAL A 198 12.82 17.65 -12.17
CA VAL A 198 13.29 18.82 -11.43
C VAL A 198 14.81 18.95 -11.43
N ARG A 199 15.31 20.16 -11.60
CA ARG A 199 16.74 20.41 -11.55
C ARG A 199 17.32 20.16 -10.17
N GLU A 200 18.44 19.44 -10.14
CA GLU A 200 19.17 19.20 -8.89
C GLU A 200 20.62 19.64 -9.04
N ASP A 201 20.98 20.13 -10.22
CA ASP A 201 22.36 20.45 -10.54
C ASP A 201 22.77 21.81 -9.98
N ASN A 202 24.07 22.10 -10.03
CA ASN A 202 24.56 23.44 -9.71
C ASN A 202 25.27 24.11 -10.90
N PHE A 203 24.80 23.85 -12.13
CA PHE A 203 25.54 24.26 -13.32
C PHE A 203 25.46 25.76 -13.62
N ASP A 204 24.44 26.42 -13.09
CA ASP A 204 24.31 27.85 -13.24
C ASP A 204 24.78 28.56 -11.98
N GLY A 205 25.54 27.85 -11.14
CA GLY A 205 26.05 28.43 -9.91
C GLY A 205 25.13 28.33 -8.71
N VAL A 206 23.85 28.02 -8.94
CA VAL A 206 22.93 27.86 -7.82
C VAL A 206 23.09 26.50 -7.20
N ASP A 207 23.50 26.48 -5.93
CA ASP A 207 23.80 25.25 -5.18
C ASP A 207 22.53 24.56 -4.68
N ARG A 208 21.79 23.97 -5.61
CA ARG A 208 20.42 23.54 -5.34
C ARG A 208 20.25 22.53 -4.20
N THR A 209 21.21 21.63 -4.00
CA THR A 209 21.05 20.62 -2.98
C THR A 209 21.82 21.01 -1.71
N HIS A 210 22.61 22.08 -1.80
CA HIS A 210 23.38 22.52 -0.64
C HIS A 210 24.30 21.39 -0.20
N LYS A 211 24.75 20.65 -1.19
CA LYS A 211 25.74 19.59 -1.06
C LYS A 211 25.19 18.31 -0.40
N ASN A 212 23.87 18.27 -0.24
CA ASN A 212 23.15 17.04 0.05
C ASN A 212 22.94 16.25 -1.23
N TRP A 213 22.53 14.99 -1.12
CA TRP A 213 22.31 14.17 -2.32
C TRP A 213 20.98 14.48 -3.00
N ARG A 214 20.08 15.19 -2.32
CA ARG A 214 18.81 15.64 -2.93
C ARG A 214 18.41 17.05 -2.44
N ARG A 215 17.69 17.82 -3.25
CA ARG A 215 17.11 19.07 -2.76
C ARG A 215 16.21 18.74 -1.58
N THR A 216 16.06 19.68 -0.65
CA THR A 216 15.23 19.47 0.53
C THR A 216 14.12 20.50 0.62
N ASP A 217 13.97 21.31 -0.44
CA ASP A 217 12.95 22.35 -0.44
C ASP A 217 11.68 21.87 -1.12
N ILE A 218 11.72 20.63 -1.59
CA ILE A 218 10.53 19.94 -2.05
C ILE A 218 10.53 18.57 -1.40
N GLY A 219 9.37 17.94 -1.35
CA GLY A 219 9.22 16.57 -0.88
C GLY A 219 8.57 15.73 -1.95
N VAL A 220 7.36 15.24 -1.70
CA VAL A 220 6.60 14.55 -2.75
C VAL A 220 5.33 15.35 -3.01
N ASP A 221 5.39 16.63 -2.70
CA ASP A 221 4.22 17.50 -2.76
C ASP A 221 3.98 18.06 -4.14
N TRP A 222 3.73 17.17 -5.11
CA TRP A 222 3.33 17.57 -6.44
C TRP A 222 2.13 18.51 -6.27
N PRO A 223 2.03 19.56 -7.12
CA PRO A 223 2.78 19.83 -8.33
C PRO A 223 4.01 20.72 -8.09
N PHE A 224 4.40 20.90 -6.85
CA PHE A 224 5.65 21.60 -6.52
C PHE A 224 5.61 23.08 -6.90
N LYS A 225 4.53 23.76 -6.55
CA LYS A 225 4.40 25.16 -6.94
C LYS A 225 5.51 26.06 -6.39
N GLN A 226 6.24 25.61 -5.37
CA GLN A 226 7.30 26.45 -4.79
C GLN A 226 8.57 26.54 -5.65
N LEU A 227 8.66 25.72 -6.68
CA LEU A 227 9.83 25.73 -7.58
C LEU A 227 9.78 26.86 -8.60
N ASP A 228 10.94 27.47 -8.85
CA ASP A 228 11.10 28.37 -9.99
C ASP A 228 10.70 27.65 -11.27
N ASP A 229 10.08 28.38 -12.19
CA ASP A 229 9.65 27.82 -13.47
C ASP A 229 10.78 27.07 -14.20
N LYS A 230 11.98 27.61 -14.13
CA LYS A 230 13.12 27.04 -14.85
C LYS A 230 13.62 25.73 -14.24
N ASP A 231 13.23 25.42 -13.01
CA ASP A 231 13.75 24.23 -12.34
C ASP A 231 12.83 23.02 -12.49
N ILE A 232 11.72 23.18 -13.19
CA ILE A 232 10.75 22.11 -13.27
C ILE A 232 10.14 21.95 -14.65
N CYS A 233 9.98 20.70 -15.06
CA CYS A 233 9.26 20.34 -16.26
C CYS A 233 8.11 19.46 -15.79
N ARG A 234 6.89 19.93 -15.98
CA ARG A 234 5.72 19.12 -15.69
C ARG A 234 5.27 18.45 -16.98
N PHE A 235 5.43 17.14 -17.04
CA PHE A 235 5.19 16.38 -18.26
C PHE A 235 3.69 16.25 -18.50
N PRO A 236 3.25 16.55 -19.73
CA PRO A 236 1.82 16.63 -20.08
C PRO A 236 1.14 15.27 -20.13
N TYR A 237 1.90 14.22 -20.40
CA TYR A 237 1.30 12.90 -20.59
C TYR A 237 1.63 11.92 -19.48
N ALA A 238 0.84 10.85 -19.39
CA ALA A 238 1.18 9.72 -18.53
C ALA A 238 2.12 8.85 -19.35
N VAL A 239 2.95 8.08 -18.69
CA VAL A 239 3.78 7.12 -19.40
C VAL A 239 3.38 5.70 -19.03
N LEU A 240 3.08 4.92 -20.06
CA LEU A 240 2.68 3.53 -19.92
C LEU A 240 3.84 2.65 -20.32
N GLU A 241 4.22 1.71 -19.46
CA GLU A 241 5.26 0.73 -19.78
C GLU A 241 4.71 -0.70 -19.70
N VAL A 242 5.03 -1.50 -20.72
CA VAL A 242 4.51 -2.85 -20.81
C VAL A 242 5.68 -3.81 -20.78
N LYS A 243 5.70 -4.72 -19.81
CA LYS A 243 6.77 -5.71 -19.73
C LYS A 243 6.22 -7.11 -19.98
N LEU A 244 6.56 -7.64 -21.15
CA LEU A 244 6.04 -8.93 -21.58
C LEU A 244 7.06 -10.05 -21.38
N GLN A 245 6.58 -11.21 -20.98
CA GLN A 245 7.37 -12.44 -21.03
C GLN A 245 6.54 -13.51 -21.74
N THR A 246 6.63 -13.53 -23.07
CA THR A 246 5.84 -14.45 -23.87
C THR A 246 6.55 -15.79 -24.07
N GLN A 247 5.88 -16.87 -23.72
CA GLN A 247 6.43 -18.22 -23.91
C GLN A 247 6.55 -18.55 -25.40
N LEU A 248 7.79 -18.63 -25.88
CA LEU A 248 8.04 -19.01 -27.27
C LEU A 248 7.34 -20.32 -27.56
N GLY A 249 6.78 -20.45 -28.77
CA GLY A 249 6.82 -19.39 -29.75
C GLY A 249 5.45 -18.77 -29.97
N GLN A 250 4.81 -18.37 -28.87
CA GLN A 250 3.50 -17.72 -28.93
C GLN A 250 3.61 -16.21 -29.09
N GLU A 251 2.48 -15.58 -29.36
CA GLU A 251 2.38 -14.13 -29.41
C GLU A 251 1.86 -13.60 -28.07
N PRO A 252 2.02 -12.29 -27.83
CA PRO A 252 1.47 -11.68 -26.61
C PRO A 252 -0.04 -11.82 -26.57
N PRO A 253 -0.64 -11.77 -25.37
CA PRO A 253 -2.10 -11.87 -25.23
C PRO A 253 -2.84 -10.91 -26.17
N GLU A 254 -3.99 -11.36 -26.67
CA GLU A 254 -4.78 -10.59 -27.62
C GLU A 254 -5.12 -9.19 -27.10
N TRP A 255 -5.40 -9.08 -25.80
CA TRP A 255 -5.83 -7.81 -25.23
C TRP A 255 -4.67 -6.82 -25.12
N VAL A 256 -3.48 -7.34 -24.85
CA VAL A 256 -2.28 -6.52 -24.80
C VAL A 256 -1.91 -5.94 -26.16
N ARG A 257 -1.84 -6.80 -27.17
CA ARG A 257 -1.51 -6.36 -28.52
C ARG A 257 -2.52 -5.36 -29.07
N GLU A 258 -3.80 -5.60 -28.79
CA GLU A 258 -4.85 -4.70 -29.25
C GLU A 258 -4.67 -3.33 -28.63
N LEU A 259 -4.36 -3.32 -27.33
CA LEU A 259 -4.17 -2.08 -26.59
C LEU A 259 -3.07 -1.23 -27.20
N VAL A 260 -1.86 -1.78 -27.24
CA VAL A 260 -0.70 -1.04 -27.72
C VAL A 260 -0.93 -0.42 -29.10
N GLY A 261 -1.63 -1.15 -29.96
CA GLY A 261 -1.92 -0.67 -31.29
C GLY A 261 -3.09 0.31 -31.35
N SER A 262 -3.84 0.38 -30.25
CA SER A 262 -5.01 1.25 -30.20
C SER A 262 -4.60 2.71 -30.16
N HIS A 263 -5.55 3.59 -30.50
CA HIS A 263 -5.30 5.03 -30.57
C HIS A 263 -5.02 5.62 -29.19
N LEU A 264 -5.30 4.83 -28.15
CA LEU A 264 -5.15 5.27 -26.75
C LEU A 264 -3.73 5.65 -26.37
N VAL A 265 -2.75 5.01 -26.99
CA VAL A 265 -1.36 5.20 -26.60
C VAL A 265 -0.50 5.56 -27.80
N GLU A 266 0.54 6.34 -27.55
CA GLU A 266 1.49 6.70 -28.60
C GLU A 266 2.85 6.13 -28.26
N PRO A 267 3.31 5.13 -29.04
CA PRO A 267 4.62 4.51 -28.83
C PRO A 267 5.75 5.52 -28.94
N VAL A 268 6.64 5.56 -27.95
CA VAL A 268 7.87 6.32 -28.01
C VAL A 268 8.98 5.37 -27.59
N PRO A 269 9.61 4.71 -28.57
CA PRO A 269 10.47 3.55 -28.36
C PRO A 269 11.52 3.75 -27.26
N LYS A 270 12.39 4.74 -27.44
CA LYS A 270 13.57 4.87 -26.59
C LYS A 270 13.35 5.84 -25.43
N PHE A 271 12.09 6.13 -25.09
CA PHE A 271 11.83 7.15 -24.07
C PHE A 271 12.55 6.88 -22.76
N SER A 272 13.02 7.96 -22.14
CA SER A 272 13.77 7.90 -20.89
C SER A 272 13.52 9.15 -20.09
N LYS A 273 13.04 8.98 -18.85
CA LYS A 273 12.79 10.13 -17.98
C LYS A 273 14.09 10.89 -17.72
N PHE A 274 15.18 10.18 -17.49
CA PHE A 274 16.49 10.81 -17.31
C PHE A 274 16.83 11.69 -18.50
N ILE A 275 16.83 11.10 -19.68
CA ILE A 275 17.19 11.84 -20.87
C ILE A 275 16.21 12.98 -21.13
N HIS A 276 14.93 12.74 -20.95
CA HIS A 276 13.96 13.81 -21.16
C HIS A 276 14.23 14.99 -20.23
N GLY A 277 14.50 14.70 -18.97
CA GLY A 277 14.73 15.73 -17.97
C GLY A 277 15.95 16.58 -18.27
N VAL A 278 17.06 15.93 -18.59
CA VAL A 278 18.28 16.66 -18.88
C VAL A 278 18.11 17.53 -20.10
N ALA A 279 17.49 16.97 -21.13
CA ALA A 279 17.37 17.68 -22.40
C ALA A 279 16.42 18.88 -22.30
N THR A 280 15.36 18.73 -21.50
CA THR A 280 14.41 19.83 -21.31
C THR A 280 14.91 20.89 -20.35
N LEU A 281 15.45 20.47 -19.22
CA LEU A 281 15.85 21.41 -18.19
C LEU A 281 17.20 22.07 -18.47
N LEU A 282 18.10 21.32 -19.09
CA LEU A 282 19.43 21.83 -19.40
C LEU A 282 19.55 22.04 -20.91
N ASN A 283 18.50 22.60 -21.50
CA ASN A 283 18.39 22.66 -22.96
C ASN A 283 19.47 23.50 -23.63
N ASP A 284 19.96 24.54 -22.95
CA ASP A 284 21.01 25.40 -23.50
C ASP A 284 22.37 24.76 -23.35
N LYS A 285 22.47 23.76 -22.48
CA LYS A 285 23.75 23.11 -22.22
C LYS A 285 24.03 21.88 -23.09
N VAL A 286 23.01 21.09 -23.41
CA VAL A 286 23.24 19.87 -24.16
C VAL A 286 23.44 20.16 -25.65
N ASP A 287 24.29 19.34 -26.28
CA ASP A 287 24.63 19.52 -27.70
C ASP A 287 23.94 18.46 -28.57
N SER A 288 23.27 17.51 -27.94
CA SER A 288 22.47 16.50 -28.62
C SER A 288 21.16 16.27 -27.88
N ILE A 289 20.11 15.98 -28.64
CA ILE A 289 18.76 15.98 -28.12
C ILE A 289 18.05 14.70 -28.55
N PRO A 290 17.30 14.06 -27.63
CA PRO A 290 16.60 12.84 -28.05
C PRO A 290 15.59 13.17 -29.15
N PHE A 291 15.17 12.13 -29.87
CA PHE A 291 14.36 12.33 -31.07
C PHE A 291 12.86 12.47 -30.85
N TRP A 292 12.41 12.37 -29.60
CA TRP A 292 11.02 12.72 -29.34
C TRP A 292 10.87 14.24 -29.12
N LEU A 293 11.99 14.96 -29.09
CA LEU A 293 12.01 16.42 -28.96
C LEU A 293 12.49 17.07 -30.25
N PRO A 294 12.14 18.36 -30.47
CA PRO A 294 12.47 19.06 -31.73
C PRO A 294 13.95 18.94 -32.06
N GLN A 295 14.26 18.47 -33.27
CA GLN A 295 15.62 18.07 -33.66
C GLN A 295 16.29 17.18 -32.60
N ASN B 8 -13.77 19.55 2.44
CA ASN B 8 -13.68 19.44 0.99
C ASN B 8 -14.33 18.16 0.48
N PHE B 9 -14.00 17.04 1.10
CA PHE B 9 -14.46 15.73 0.66
C PHE B 9 -15.32 15.02 1.70
N VAL B 10 -16.61 14.91 1.43
CA VAL B 10 -17.57 14.25 2.32
C VAL B 10 -17.45 12.73 2.22
N ARG B 11 -17.19 12.07 3.35
CA ARG B 11 -17.05 10.61 3.34
C ARG B 11 -18.28 9.91 3.90
N GLN B 12 -18.74 8.86 3.22
CA GLN B 12 -19.85 8.05 3.72
C GLN B 12 -19.67 6.56 3.43
N THR B 13 -20.07 5.73 4.39
CA THR B 13 -20.04 4.28 4.24
C THR B 13 -21.45 3.72 4.33
N THR B 14 -21.81 2.84 3.41
CA THR B 14 -23.08 2.17 3.45
C THR B 14 -22.84 0.66 3.28
N LYS B 15 -23.68 -0.15 3.92
CA LYS B 15 -23.46 -1.59 3.95
C LYS B 15 -24.64 -2.32 3.34
N TYR B 16 -24.38 -3.51 2.79
CA TYR B 16 -25.40 -4.26 2.06
C TYR B 16 -25.12 -5.75 2.23
N TRP B 17 -26.18 -6.55 2.16
CA TRP B 17 -26.01 -7.99 2.10
C TRP B 17 -26.11 -8.40 0.64
N VAL B 18 -25.37 -9.43 0.27
CA VAL B 18 -25.43 -9.97 -1.08
C VAL B 18 -25.69 -11.48 -1.00
N HIS B 19 -26.80 -11.93 -1.59
CA HIS B 19 -27.08 -13.36 -1.69
C HIS B 19 -25.93 -14.03 -2.43
N PRO B 20 -25.50 -15.20 -1.95
CA PRO B 20 -24.31 -15.84 -2.49
C PRO B 20 -24.41 -16.11 -4.00
N ASP B 21 -25.63 -16.30 -4.50
CA ASP B 21 -25.81 -16.62 -5.91
C ASP B 21 -25.77 -15.38 -6.80
N ASN B 22 -25.62 -14.20 -6.18
CA ASN B 22 -25.47 -12.94 -6.90
C ASN B 22 -24.05 -12.43 -6.85
N ILE B 23 -23.18 -13.12 -6.12
CA ILE B 23 -21.80 -12.68 -5.92
C ILE B 23 -21.01 -12.51 -7.24
N THR B 24 -21.08 -13.48 -8.13
CA THR B 24 -20.30 -13.40 -9.37
C THR B 24 -20.72 -12.21 -10.25
N GLU B 25 -22.02 -12.11 -10.54
CA GLU B 25 -22.55 -11.04 -11.35
C GLU B 25 -22.18 -9.67 -10.77
N LEU B 26 -22.31 -9.53 -9.45
CA LEU B 26 -21.94 -8.30 -8.78
C LEU B 26 -20.46 -7.97 -8.98
N LYS B 27 -19.58 -8.96 -8.80
CA LYS B 27 -18.14 -8.74 -8.96
C LYS B 27 -17.79 -8.35 -10.39
N LEU B 28 -18.49 -8.94 -11.35
CA LEU B 28 -18.27 -8.61 -12.75
C LEU B 28 -18.65 -7.16 -13.03
N ILE B 29 -19.77 -6.71 -12.48
CA ILE B 29 -20.17 -5.31 -12.64
C ILE B 29 -19.11 -4.38 -12.04
N ILE B 30 -18.68 -4.69 -10.83
CA ILE B 30 -17.69 -3.87 -10.16
C ILE B 30 -16.38 -3.80 -10.95
N LEU B 31 -16.00 -4.93 -11.54
CA LEU B 31 -14.75 -5.04 -12.29
C LEU B 31 -14.78 -4.23 -13.59
N LYS B 32 -15.87 -3.50 -13.83
CA LYS B 32 -15.94 -2.60 -14.97
C LYS B 32 -15.57 -1.18 -14.57
N HIS B 33 -15.24 -0.98 -13.30
CA HIS B 33 -14.94 0.37 -12.81
C HIS B 33 -13.75 0.41 -11.85
N LEU B 34 -13.59 -0.63 -11.05
CA LEU B 34 -12.55 -0.66 -10.03
C LEU B 34 -11.73 -1.93 -10.16
N PRO B 35 -10.41 -1.83 -9.95
CA PRO B 35 -9.55 -3.01 -9.98
C PRO B 35 -9.61 -3.77 -8.67
N VAL B 36 -9.39 -5.09 -8.71
CA VAL B 36 -9.24 -5.83 -7.48
C VAL B 36 -7.84 -5.59 -6.91
N LEU B 37 -7.74 -5.45 -5.59
CA LEU B 37 -6.47 -5.15 -4.95
C LEU B 37 -5.78 -6.40 -4.43
N VAL B 38 -4.51 -6.56 -4.78
CA VAL B 38 -3.72 -7.69 -4.29
C VAL B 38 -2.55 -7.21 -3.45
N PHE B 39 -2.50 -7.64 -2.19
CA PHE B 39 -1.37 -7.31 -1.32
C PHE B 39 -0.15 -8.11 -1.75
N ASN B 40 0.93 -7.41 -2.08
CA ASN B 40 2.12 -8.05 -2.65
C ASN B 40 2.80 -9.06 -1.71
N THR B 41 2.70 -10.34 -2.05
CA THR B 41 3.21 -11.41 -1.21
C THR B 41 4.46 -12.06 -1.81
N ASN B 42 5.11 -11.33 -2.74
CA ASN B 42 6.30 -11.82 -3.43
C ASN B 42 7.13 -12.79 -2.58
N PHE B 45 0.82 -16.81 -4.01
CA PHE B 45 -0.49 -16.52 -3.45
C PHE B 45 -1.04 -17.69 -2.63
N GLU B 46 -1.63 -17.37 -1.48
CA GLU B 46 -2.24 -18.38 -0.61
C GLU B 46 -3.68 -18.05 -0.22
N ARG B 47 -4.43 -19.10 0.11
CA ARG B 47 -5.84 -18.98 0.49
C ARG B 47 -6.03 -18.13 1.77
N GLU B 48 -4.96 -17.96 2.54
CA GLU B 48 -5.04 -17.24 3.80
C GLU B 48 -4.83 -15.73 3.66
N ASP B 49 -4.40 -15.29 2.48
CA ASP B 49 -4.09 -13.88 2.27
C ASP B 49 -5.31 -12.95 2.40
N SER B 50 -6.50 -13.46 2.13
CA SER B 50 -7.70 -12.63 2.17
C SER B 50 -8.37 -12.65 3.55
N ALA B 51 -7.77 -13.37 4.50
CA ALA B 51 -8.39 -13.58 5.81
C ALA B 51 -8.31 -12.32 6.69
N ILE B 52 -9.41 -12.02 7.37
CA ILE B 52 -9.41 -11.02 8.42
C ILE B 52 -10.11 -11.61 9.67
N THR B 53 -9.44 -11.59 10.79
CA THR B 53 -10.04 -12.13 12.02
C THR B 53 -9.97 -11.07 13.11
N SER B 54 -11.09 -10.84 13.78
CA SER B 54 -11.15 -9.87 14.86
C SER B 54 -11.79 -10.51 16.08
N ILE B 55 -11.13 -10.38 17.23
CA ILE B 55 -11.69 -10.84 18.51
C ILE B 55 -12.31 -9.64 19.23
N TYR B 56 -13.63 -9.60 19.32
CA TYR B 56 -14.35 -8.52 20.01
C TYR B 56 -14.43 -8.79 21.52
N PHE B 57 -14.22 -7.75 22.30
CA PHE B 57 -14.21 -7.88 23.75
C PHE B 57 -15.48 -7.31 24.38
N ASP B 58 -15.92 -7.92 25.48
CA ASP B 58 -17.04 -7.39 26.25
C ASP B 58 -17.04 -8.06 27.62
N ASN B 59 -17.95 -7.67 28.50
CA ASN B 59 -18.02 -8.28 29.82
C ASN B 59 -19.24 -9.17 29.98
N GLU B 60 -19.39 -9.79 31.14
CA GLU B 60 -20.50 -10.71 31.35
C GLU B 60 -21.88 -10.05 31.19
N ASN B 61 -21.96 -8.75 31.47
CA ASN B 61 -23.20 -8.01 31.25
C ASN B 61 -23.41 -7.58 29.81
N LEU B 62 -22.39 -7.80 28.97
CA LEU B 62 -22.43 -7.39 27.56
C LEU B 62 -22.62 -5.87 27.42
N ASP B 63 -21.96 -5.11 28.29
CA ASP B 63 -22.09 -3.66 28.29
C ASP B 63 -21.81 -3.01 26.92
N LEU B 64 -20.76 -3.45 26.22
CA LEU B 64 -20.39 -2.80 24.95
C LEU B 64 -21.38 -3.13 23.87
N TYR B 65 -21.88 -4.36 23.90
CA TYR B 65 -22.92 -4.78 22.97
C TYR B 65 -24.13 -3.85 23.05
N TYR B 66 -24.62 -3.63 24.27
CA TYR B 66 -25.81 -2.80 24.43
C TYR B 66 -25.54 -1.34 24.09
N GLY B 67 -24.34 -0.87 24.43
CA GLY B 67 -23.97 0.50 24.13
C GLY B 67 -23.95 0.75 22.62
N ARG B 68 -23.39 -0.23 21.89
CA ARG B 68 -23.28 -0.13 20.44
C ARG B 68 -24.65 -0.34 19.81
N LEU B 69 -25.47 -1.22 20.39
CA LEU B 69 -26.80 -1.47 19.82
C LEU B 69 -27.65 -0.19 19.86
N ARG B 70 -27.61 0.53 20.97
CA ARG B 70 -28.41 1.76 21.15
C ARG B 70 -27.72 2.98 20.54
N LYS B 71 -26.42 2.85 20.29
CA LYS B 71 -25.60 3.97 19.86
C LYS B 71 -25.60 5.10 20.89
N ASP B 72 -25.41 4.74 22.16
CA ASP B 72 -25.14 5.69 23.24
C ASP B 72 -23.97 6.58 22.86
N GLU B 73 -24.09 7.88 23.12
CA GLU B 73 -22.94 8.78 22.97
C GLU B 73 -21.65 8.21 23.56
N GLY B 74 -20.60 8.14 22.76
CA GLY B 74 -19.32 7.64 23.24
C GLY B 74 -19.18 6.12 23.25
N ALA B 75 -20.21 5.40 22.83
CA ALA B 75 -20.21 3.94 22.92
C ALA B 75 -19.04 3.33 22.15
N GLU B 76 -18.20 2.59 22.86
CA GLU B 76 -17.01 1.98 22.26
C GLU B 76 -17.19 0.51 21.90
N ALA B 77 -16.45 0.09 20.88
CA ALA B 77 -16.26 -1.33 20.59
C ALA B 77 -14.77 -1.57 20.53
N HIS B 78 -14.36 -2.72 21.06
CA HIS B 78 -12.95 -3.04 21.22
C HIS B 78 -12.70 -4.39 20.58
N ARG B 79 -11.74 -4.45 19.66
CA ARG B 79 -11.39 -5.73 19.03
C ARG B 79 -9.90 -5.85 18.77
N LEU B 80 -9.38 -7.09 18.83
CA LEU B 80 -7.99 -7.37 18.49
C LEU B 80 -8.01 -8.10 17.15
N ARG B 81 -7.26 -7.58 16.19
CA ARG B 81 -7.44 -8.01 14.81
C ARG B 81 -6.13 -8.41 14.17
N TRP B 82 -6.15 -9.49 13.38
CA TRP B 82 -5.00 -9.79 12.55
C TRP B 82 -5.38 -10.11 11.12
N TYR B 83 -4.46 -9.85 10.20
CA TYR B 83 -4.70 -10.15 8.80
C TYR B 83 -3.92 -11.41 8.38
N GLY B 84 -4.56 -12.27 7.61
CA GLY B 84 -3.91 -13.48 7.15
C GLY B 84 -3.95 -14.63 8.13
N GLY B 85 -2.97 -15.53 8.00
CA GLY B 85 -2.95 -16.77 8.75
C GLY B 85 -2.33 -16.67 10.13
N MET B 86 -2.24 -17.82 10.81
CA MET B 86 -1.82 -17.88 12.20
C MET B 86 -0.34 -17.59 12.41
N SER B 87 0.40 -17.43 11.31
CA SER B 87 1.79 -17.03 11.41
C SER B 87 1.94 -15.52 11.59
N THR B 88 0.86 -14.77 11.35
CA THR B 88 0.88 -13.33 11.52
C THR B 88 1.15 -12.96 12.97
N ASP B 89 2.18 -12.15 13.18
CA ASP B 89 2.63 -11.80 14.53
C ASP B 89 2.15 -10.40 14.93
N THR B 90 1.72 -9.61 13.95
CA THR B 90 1.26 -8.25 14.26
C THR B 90 -0.22 -8.24 14.57
N ILE B 91 -0.56 -7.82 15.78
CA ILE B 91 -1.95 -7.75 16.19
C ILE B 91 -2.37 -6.28 16.33
N PHE B 92 -3.49 -5.95 15.73
CA PHE B 92 -3.99 -4.58 15.84
C PHE B 92 -5.01 -4.45 16.96
N VAL B 93 -4.71 -3.57 17.91
CA VAL B 93 -5.62 -3.33 19.02
C VAL B 93 -6.48 -2.15 18.59
N GLU B 94 -7.76 -2.41 18.31
CA GLU B 94 -8.62 -1.46 17.63
C GLU B 94 -9.78 -1.00 18.50
N ARG B 95 -10.14 0.28 18.38
CA ARG B 95 -11.25 0.82 19.15
C ARG B 95 -12.09 1.73 18.27
N LYS B 96 -13.39 1.51 18.25
CA LYS B 96 -14.33 2.37 17.53
C LYS B 96 -15.13 3.13 18.56
N THR B 97 -15.34 4.42 18.31
CA THR B 97 -16.07 5.29 19.23
C THR B 97 -17.18 5.98 18.47
N HIS B 98 -18.40 5.83 18.93
CA HIS B 98 -19.54 6.43 18.27
C HIS B 98 -19.75 7.82 18.87
N ARG B 99 -19.97 8.81 18.02
CA ARG B 99 -20.30 10.14 18.49
C ARG B 99 -21.65 10.53 17.91
N GLU B 100 -22.50 11.13 18.74
CA GLU B 100 -23.78 11.61 18.27
C GLU B 100 -23.58 12.89 17.45
N ASP B 101 -24.42 13.07 16.44
CA ASP B 101 -24.40 14.28 15.61
C ASP B 101 -24.31 15.55 16.45
N TRP B 102 -25.06 15.58 17.55
CA TRP B 102 -25.14 16.81 18.31
C TRP B 102 -23.85 17.20 19.01
N THR B 103 -22.83 16.34 18.94
CA THR B 103 -21.57 16.62 19.61
C THR B 103 -20.71 17.53 18.74
N GLY B 104 -21.07 17.61 17.45
CA GLY B 104 -20.26 18.32 16.48
C GLY B 104 -19.02 17.55 16.07
N GLU B 105 -18.97 16.26 16.43
CA GLU B 105 -17.81 15.41 16.19
C GLU B 105 -18.22 14.19 15.39
N LYS B 106 -17.23 13.53 14.78
CA LYS B 106 -17.48 12.35 13.97
C LYS B 106 -17.14 11.10 14.76
N SER B 107 -17.84 10.00 14.48
CA SER B 107 -17.42 8.72 15.01
C SER B 107 -16.02 8.39 14.51
N VAL B 108 -15.28 7.59 15.28
CA VAL B 108 -13.86 7.40 15.03
C VAL B 108 -13.40 5.96 15.25
N LYS B 109 -12.48 5.52 14.40
CA LYS B 109 -11.85 4.21 14.57
C LYS B 109 -10.35 4.47 14.69
N ALA B 110 -9.72 3.86 15.69
CA ALA B 110 -8.30 4.06 15.91
C ALA B 110 -7.71 2.72 16.30
N ARG B 111 -6.42 2.57 16.12
CA ARG B 111 -5.74 1.34 16.47
C ARG B 111 -4.27 1.59 16.70
N PHE B 112 -3.61 0.67 17.40
CA PHE B 112 -2.16 0.66 17.45
C PHE B 112 -1.69 -0.80 17.30
N ALA B 113 -0.44 -1.01 16.91
CA ALA B 113 0.07 -2.36 16.66
C ALA B 113 0.79 -2.95 17.87
N LEU B 114 0.59 -4.25 18.11
CA LEU B 114 1.21 -4.95 19.23
C LEU B 114 1.71 -6.32 18.75
N LYS B 115 2.92 -6.71 19.14
CA LYS B 115 3.35 -8.07 18.80
C LYS B 115 2.51 -9.07 19.61
N GLU B 116 2.26 -10.25 19.04
CA GLU B 116 1.34 -11.21 19.67
C GLU B 116 1.78 -11.62 21.09
N ARG B 117 3.07 -11.81 21.29
CA ARG B 117 3.60 -12.28 22.57
CA ARG B 117 3.60 -12.28 22.57
C ARG B 117 3.35 -11.28 23.70
N HIS B 118 2.98 -10.05 23.34
CA HIS B 118 2.71 -9.00 24.32
C HIS B 118 1.21 -8.77 24.60
N VAL B 119 0.33 -9.48 23.90
CA VAL B 119 -1.10 -9.20 23.98
C VAL B 119 -1.76 -9.52 25.34
N ASN B 120 -1.60 -10.73 25.84
CA ASN B 120 -2.13 -11.05 27.17
C ASN B 120 -1.64 -10.08 28.25
N ASP B 121 -0.33 -9.82 28.26
CA ASP B 121 0.26 -8.94 29.27
C ASP B 121 -0.27 -7.49 29.21
N PHE B 122 -0.49 -6.99 28.00
CA PHE B 122 -0.99 -5.63 27.84
C PHE B 122 -2.40 -5.52 28.39
N LEU B 123 -3.23 -6.52 28.10
CA LEU B 123 -4.62 -6.51 28.55
C LEU B 123 -4.73 -6.56 30.07
N LYS B 124 -3.86 -7.36 30.70
CA LYS B 124 -3.82 -7.55 32.15
C LYS B 124 -3.23 -6.34 32.88
N GLY B 125 -2.59 -5.45 32.12
CA GLY B 125 -1.89 -4.32 32.68
C GLY B 125 -0.44 -4.60 33.10
N LYS B 126 0.04 -5.81 32.82
CA LYS B 126 1.44 -6.14 33.12
C LYS B 126 2.41 -5.47 32.16
N TYR B 127 2.00 -5.33 30.90
CA TYR B 127 2.79 -4.62 29.91
C TYR B 127 2.26 -3.20 29.79
N THR B 128 3.02 -2.23 30.28
CA THR B 128 2.56 -0.84 30.36
C THR B 128 2.69 -0.09 29.05
N VAL B 129 2.01 1.04 28.95
CA VAL B 129 2.03 1.87 27.75
C VAL B 129 3.43 2.43 27.50
N ASP B 130 4.16 2.70 28.58
CA ASP B 130 5.54 3.13 28.47
C ASP B 130 6.41 2.01 27.89
N GLN B 131 6.11 0.77 28.30
CA GLN B 131 6.81 -0.39 27.76
C GLN B 131 6.47 -0.58 26.29
N VAL B 132 5.19 -0.45 25.95
CA VAL B 132 4.72 -0.69 24.59
C VAL B 132 5.45 0.20 23.60
N PHE B 133 5.63 1.47 23.95
CA PHE B 133 6.17 2.46 23.01
C PHE B 133 7.63 2.86 23.25
N ALA B 134 8.29 2.13 24.14
CA ALA B 134 9.71 2.38 24.44
C ALA B 134 10.55 2.43 23.17
N LYS B 135 10.44 1.40 22.33
CA LYS B 135 11.23 1.32 21.11
C LYS B 135 10.86 2.42 20.10
N MET B 136 9.57 2.61 19.86
CA MET B 136 9.14 3.68 18.97
C MET B 136 9.70 5.00 19.47
N ARG B 137 9.84 5.14 20.77
CA ARG B 137 10.44 6.36 21.32
C ARG B 137 11.96 6.41 21.07
N LYS B 138 12.64 5.28 21.28
CA LYS B 138 14.08 5.23 21.05
C LYS B 138 14.41 5.73 19.64
N GLU B 139 13.65 5.26 18.65
CA GLU B 139 13.72 5.82 17.32
C GLU B 139 13.08 7.20 17.28
N GLY B 140 13.67 8.12 16.54
CA GLY B 140 13.10 9.45 16.43
C GLY B 140 12.23 9.57 15.17
N LYS B 141 11.79 8.45 14.64
CA LYS B 141 11.06 8.44 13.38
C LYS B 141 9.69 9.11 13.49
N LYS B 142 8.71 8.39 14.04
CA LYS B 142 7.35 8.90 14.18
C LYS B 142 7.31 10.21 14.94
N PRO B 143 6.56 11.20 14.42
CA PRO B 143 6.49 12.51 15.08
C PRO B 143 6.01 12.36 16.52
N MET B 144 6.53 13.21 17.40
CA MET B 144 6.28 13.07 18.83
C MET B 144 4.79 13.17 19.17
N ASN B 145 4.08 14.09 18.53
CA ASN B 145 2.65 14.23 18.78
C ASN B 145 1.86 13.00 18.37
N GLU B 146 2.32 12.34 17.31
CA GLU B 146 1.65 11.13 16.86
C GLU B 146 1.85 9.97 17.83
N ILE B 147 3.04 9.91 18.42
CA ILE B 147 3.34 8.89 19.43
C ILE B 147 2.47 9.12 20.67
N GLU B 148 2.29 10.38 21.02
CA GLU B 148 1.49 10.75 22.17
C GLU B 148 0.02 10.40 21.95
N ASN B 149 -0.45 10.54 20.72
CA ASN B 149 -1.82 10.14 20.40
C ASN B 149 -2.00 8.63 20.55
N LEU B 150 -1.02 7.86 20.08
CA LEU B 150 -1.05 6.42 20.23
C LEU B 150 -0.93 6.00 21.67
N GLU B 151 -0.07 6.70 22.42
CA GLU B 151 0.09 6.40 23.83
C GLU B 151 -1.22 6.64 24.60
N ALA B 152 -1.89 7.75 24.28
CA ALA B 152 -3.17 8.04 24.94
C ALA B 152 -4.21 6.98 24.55
N LEU B 153 -4.18 6.55 23.29
CA LEU B 153 -5.10 5.53 22.83
C LEU B 153 -4.88 4.23 23.62
N ALA B 154 -3.63 3.80 23.69
CA ALA B 154 -3.30 2.56 24.40
C ALA B 154 -3.67 2.65 25.88
N SER B 155 -3.43 3.80 26.49
CA SER B 155 -3.80 4.01 27.88
C SER B 155 -5.30 3.89 28.09
N GLU B 156 -6.09 4.48 27.21
CA GLU B 156 -7.54 4.45 27.39
C GLU B 156 -8.09 3.04 27.21
N ILE B 157 -7.55 2.32 26.23
CA ILE B 157 -7.96 0.94 26.02
C ILE B 157 -7.62 0.06 27.24
N GLN B 158 -6.36 0.13 27.67
CA GLN B 158 -5.91 -0.68 28.80
C GLN B 158 -6.77 -0.39 30.02
N TYR B 159 -7.08 0.88 30.22
CA TYR B 159 -7.93 1.30 31.36
C TYR B 159 -9.31 0.66 31.29
N VAL B 160 -9.99 0.81 30.16
CA VAL B 160 -11.35 0.26 30.01
C VAL B 160 -11.35 -1.28 30.13
N MET B 161 -10.34 -1.92 29.57
CA MET B 161 -10.20 -3.37 29.63
C MET B 161 -10.22 -3.82 31.07
N LEU B 162 -9.48 -3.13 31.92
CA LEU B 162 -9.38 -3.50 33.33
C LEU B 162 -10.62 -3.05 34.13
N LYS B 163 -11.06 -1.82 33.89
CA LYS B 163 -12.19 -1.25 34.63
C LYS B 163 -13.51 -1.96 34.39
N LYS B 164 -13.80 -2.29 33.13
CA LYS B 164 -15.05 -2.94 32.79
C LYS B 164 -14.91 -4.45 32.77
N LYS B 165 -13.74 -4.95 33.14
CA LYS B 165 -13.50 -6.41 33.12
C LYS B 165 -13.85 -7.08 31.79
N LEU B 166 -13.31 -6.53 30.71
CA LEU B 166 -13.58 -7.06 29.37
C LEU B 166 -12.83 -8.36 29.15
N ARG B 167 -13.44 -9.26 28.39
CA ARG B 167 -12.77 -10.47 27.96
CA ARG B 167 -12.81 -10.51 27.98
C ARG B 167 -13.17 -10.81 26.52
N PRO B 168 -12.48 -11.79 25.90
CA PRO B 168 -12.86 -12.18 24.54
C PRO B 168 -14.28 -12.69 24.56
N VAL B 169 -15.10 -12.30 23.60
CA VAL B 169 -16.51 -12.69 23.62
C VAL B 169 -16.96 -13.30 22.32
N VAL B 170 -16.66 -12.63 21.20
CA VAL B 170 -17.02 -13.16 19.89
C VAL B 170 -15.92 -12.85 18.85
N ARG B 171 -15.64 -13.82 17.98
CA ARG B 171 -14.66 -13.65 16.92
C ARG B 171 -15.45 -13.51 15.64
N SER B 172 -15.02 -12.60 14.78
CA SER B 172 -15.56 -12.53 13.44
C SER B 172 -14.46 -12.92 12.50
N PHE B 173 -14.76 -13.82 11.57
CA PHE B 173 -13.82 -14.17 10.53
C PHE B 173 -14.49 -13.91 9.19
N TYR B 174 -13.72 -13.41 8.24
CA TYR B 174 -14.21 -13.36 6.85
C TYR B 174 -13.06 -13.19 5.86
N ASN B 175 -13.36 -13.41 4.58
CA ASN B 175 -12.40 -13.13 3.51
C ASN B 175 -12.79 -11.83 2.83
N ARG B 176 -11.84 -10.90 2.75
CA ARG B 176 -12.16 -9.62 2.15
C ARG B 176 -11.50 -9.43 0.79
N THR B 177 -12.32 -9.05 -0.18
CA THR B 177 -11.84 -8.61 -1.47
C THR B 177 -12.12 -7.11 -1.59
N ALA B 178 -11.07 -6.36 -1.89
CA ALA B 178 -11.12 -4.90 -1.93
C ALA B 178 -10.95 -4.39 -3.36
N PHE B 179 -11.66 -3.32 -3.69
CA PHE B 179 -11.60 -2.70 -5.02
C PHE B 179 -11.42 -1.21 -4.82
N GLN B 180 -10.40 -0.63 -5.44
CA GLN B 180 -10.20 0.82 -5.44
C GLN B 180 -9.24 1.19 -6.56
N LEU B 181 -9.48 2.31 -7.20
CA LEU B 181 -8.62 2.76 -8.29
C LEU B 181 -7.66 3.80 -7.73
N PRO B 182 -6.36 3.45 -7.67
CA PRO B 182 -5.31 4.21 -6.98
C PRO B 182 -5.41 5.73 -7.11
N GLY B 183 -5.23 6.43 -5.99
CA GLY B 183 -5.29 7.87 -5.97
C GLY B 183 -6.70 8.42 -6.15
N ASP B 184 -7.61 7.58 -6.63
CA ASP B 184 -9.01 7.97 -6.76
C ASP B 184 -9.82 7.43 -5.58
N ALA B 185 -10.11 8.30 -4.61
CA ALA B 185 -10.84 7.90 -3.42
C ALA B 185 -12.33 8.18 -3.54
N ARG B 186 -12.82 8.41 -4.75
CA ARG B 186 -14.24 8.69 -4.91
C ARG B 186 -15.05 7.49 -4.44
N VAL B 187 -14.56 6.30 -4.77
CA VAL B 187 -15.24 5.08 -4.40
C VAL B 187 -14.25 4.00 -3.99
N ARG B 188 -14.53 3.35 -2.88
CA ARG B 188 -13.79 2.16 -2.49
C ARG B 188 -14.83 1.11 -2.15
N ILE B 189 -14.62 -0.12 -2.61
CA ILE B 189 -15.58 -1.17 -2.32
C ILE B 189 -14.90 -2.38 -1.69
N SER B 190 -15.54 -2.95 -0.67
CA SER B 190 -15.07 -4.20 -0.09
C SER B 190 -16.18 -5.23 -0.09
N LEU B 191 -15.82 -6.49 -0.40
CA LEU B 191 -16.77 -7.60 -0.38
C LEU B 191 -16.28 -8.66 0.60
N ASP B 192 -17.05 -8.87 1.66
CA ASP B 192 -16.66 -9.83 2.67
C ASP B 192 -17.45 -11.11 2.48
N THR B 193 -16.75 -12.24 2.33
CA THR B 193 -17.39 -13.53 2.11
C THR B 193 -16.94 -14.52 3.16
N GLU B 194 -17.63 -15.65 3.23
CA GLU B 194 -17.40 -16.65 4.28
C GLU B 194 -17.51 -16.03 5.68
N LEU B 195 -18.46 -15.12 5.82
CA LEU B 195 -18.63 -14.41 7.09
C LEU B 195 -18.98 -15.40 8.19
N THR B 196 -18.18 -15.37 9.25
CA THR B 196 -18.37 -16.30 10.36
C THR B 196 -18.13 -15.65 11.73
N MET B 197 -18.98 -15.99 12.69
CA MET B 197 -18.82 -15.56 14.06
C MET B 197 -18.72 -16.77 15.00
N VAL B 198 -17.79 -16.71 15.96
CA VAL B 198 -17.53 -17.83 16.84
C VAL B 198 -17.39 -17.40 18.30
N ARG B 199 -18.09 -18.10 19.21
CA ARG B 199 -18.00 -17.79 20.64
C ARG B 199 -16.59 -17.91 21.18
N GLU B 200 -16.18 -16.89 21.91
CA GLU B 200 -14.89 -16.86 22.56
C GLU B 200 -15.07 -16.66 24.07
N ASP B 201 -16.33 -16.62 24.51
CA ASP B 201 -16.64 -16.30 25.90
C ASP B 201 -16.50 -17.53 26.82
N ASN B 202 -16.64 -17.30 28.13
CA ASN B 202 -16.72 -18.40 29.08
C ASN B 202 -17.98 -18.29 29.93
N PHE B 203 -18.98 -17.59 29.42
CA PHE B 203 -20.19 -17.32 30.20
C PHE B 203 -20.97 -18.61 30.45
N ASP B 204 -20.51 -19.67 29.82
CA ASP B 204 -21.21 -20.95 29.75
C ASP B 204 -20.69 -21.88 30.83
N GLY B 205 -19.58 -21.50 31.44
CA GLY B 205 -18.78 -22.43 32.20
C GLY B 205 -17.67 -22.94 31.30
N VAL B 206 -17.96 -23.11 30.01
CA VAL B 206 -16.97 -23.59 29.05
C VAL B 206 -15.83 -22.58 28.92
N ASP B 207 -14.64 -23.01 29.32
CA ASP B 207 -13.45 -22.18 29.20
C ASP B 207 -12.88 -22.33 27.79
N ARG B 208 -13.21 -21.40 26.90
CA ARG B 208 -12.85 -21.55 25.49
C ARG B 208 -11.47 -21.00 25.14
N THR B 209 -10.95 -20.09 25.95
CA THR B 209 -9.69 -19.42 25.64
C THR B 209 -8.54 -19.81 26.57
N HIS B 210 -8.87 -20.44 27.70
CA HIS B 210 -7.87 -20.84 28.67
C HIS B 210 -6.93 -19.69 28.99
N LYS B 211 -7.50 -18.54 29.32
CA LYS B 211 -6.74 -17.36 29.74
C LYS B 211 -5.95 -16.72 28.60
N ASN B 212 -6.22 -17.13 27.36
CA ASN B 212 -5.61 -16.47 26.22
C ASN B 212 -6.56 -15.40 25.62
N TRP B 213 -6.00 -14.48 24.84
CA TRP B 213 -6.83 -13.45 24.20
C TRP B 213 -7.66 -13.98 23.04
N ARG B 214 -7.38 -15.21 22.61
CA ARG B 214 -8.14 -15.82 21.54
C ARG B 214 -8.09 -17.33 21.72
N ARG B 215 -9.11 -18.02 21.22
CA ARG B 215 -9.16 -19.48 21.18
C ARG B 215 -8.03 -19.97 20.31
N THR B 216 -7.49 -21.15 20.64
CA THR B 216 -6.43 -21.74 19.82
C THR B 216 -6.78 -23.09 19.22
N ASP B 217 -8.06 -23.47 19.25
CA ASP B 217 -8.45 -24.73 18.63
C ASP B 217 -8.99 -24.50 17.21
N ILE B 218 -8.93 -23.25 16.77
CA ILE B 218 -9.15 -22.92 15.38
C ILE B 218 -8.07 -21.94 14.93
N GLY B 219 -7.96 -21.78 13.61
CA GLY B 219 -7.09 -20.79 13.00
C GLY B 219 -7.92 -19.98 12.00
N VAL B 220 -7.52 -19.98 10.73
CA VAL B 220 -8.36 -19.37 9.70
C VAL B 220 -8.91 -20.44 8.76
N ASP B 221 -9.01 -21.66 9.29
CA ASP B 221 -9.42 -22.82 8.53
C ASP B 221 -10.94 -22.94 8.37
N TRP B 222 -11.54 -21.93 7.75
CA TRP B 222 -12.97 -21.96 7.43
C TRP B 222 -13.26 -23.27 6.68
N PRO B 223 -14.45 -23.86 6.86
CA PRO B 223 -15.60 -23.44 7.67
C PRO B 223 -15.59 -23.95 9.12
N PHE B 224 -14.41 -24.25 9.65
CA PHE B 224 -14.25 -24.59 11.07
C PHE B 224 -15.17 -25.74 11.53
N LYS B 225 -15.15 -26.86 10.82
CA LYS B 225 -16.07 -27.96 11.11
C LYS B 225 -15.81 -28.65 12.45
N GLN B 226 -14.67 -28.40 13.07
CA GLN B 226 -14.36 -29.00 14.36
C GLN B 226 -15.16 -28.38 15.50
N LEU B 227 -15.71 -27.19 15.27
CA LEU B 227 -16.50 -26.46 16.28
C LEU B 227 -17.86 -27.09 16.58
N ASP B 228 -18.28 -27.05 17.85
CA ASP B 228 -19.66 -27.38 18.16
C ASP B 228 -20.60 -26.41 17.45
N ASP B 229 -21.75 -26.91 17.00
CA ASP B 229 -22.70 -26.08 16.24
C ASP B 229 -23.18 -24.83 16.99
N LYS B 230 -23.23 -24.90 18.32
CA LYS B 230 -23.70 -23.79 19.15
CA LYS B 230 -23.72 -23.77 19.11
C LYS B 230 -22.65 -22.69 19.26
N ASP B 231 -21.39 -23.05 19.05
CA ASP B 231 -20.30 -22.10 19.12
C ASP B 231 -20.08 -21.29 17.84
N ILE B 232 -20.88 -21.55 16.80
CA ILE B 232 -20.60 -20.89 15.50
C ILE B 232 -21.82 -20.49 14.69
N CYS B 233 -21.72 -19.32 14.06
CA CYS B 233 -22.73 -18.85 13.14
C CYS B 233 -22.07 -18.69 11.78
N ARG B 234 -22.49 -19.50 10.82
CA ARG B 234 -22.04 -19.36 9.43
C ARG B 234 -23.03 -18.47 8.67
N PHE B 235 -22.65 -17.22 8.49
CA PHE B 235 -23.56 -16.27 7.89
C PHE B 235 -23.67 -16.59 6.42
N PRO B 236 -24.91 -16.65 5.90
CA PRO B 236 -25.19 -17.10 4.52
C PRO B 236 -24.87 -16.07 3.42
N TYR B 237 -24.83 -14.78 3.76
CA TYR B 237 -24.64 -13.76 2.74
C TYR B 237 -23.27 -13.11 2.79
N ALA B 238 -22.86 -12.54 1.65
CA ALA B 238 -21.68 -11.71 1.63
C ALA B 238 -22.08 -10.31 2.11
N VAL B 239 -21.11 -9.55 2.62
CA VAL B 239 -21.41 -8.17 3.01
C VAL B 239 -20.66 -7.23 2.10
N LEU B 240 -21.38 -6.32 1.47
CA LEU B 240 -20.76 -5.35 0.59
C LEU B 240 -20.64 -4.04 1.35
N GLU B 241 -19.47 -3.44 1.36
CA GLU B 241 -19.35 -2.11 1.95
C GLU B 241 -18.88 -1.12 0.91
N VAL B 242 -19.62 -0.02 0.78
CA VAL B 242 -19.30 0.99 -0.22
C VAL B 242 -18.87 2.29 0.45
N LYS B 243 -17.62 2.69 0.25
CA LYS B 243 -17.13 3.93 0.83
C LYS B 243 -16.95 5.00 -0.24
N LEU B 244 -17.56 6.16 0.00
CA LEU B 244 -17.50 7.27 -0.92
C LEU B 244 -16.78 8.42 -0.27
N GLN B 245 -15.86 9.02 -1.02
CA GLN B 245 -15.24 10.26 -0.65
C GLN B 245 -15.65 11.21 -1.76
N THR B 246 -16.64 12.04 -1.47
CA THR B 246 -17.26 12.90 -2.47
C THR B 246 -16.94 14.38 -2.24
N GLN B 247 -16.44 15.06 -3.28
CA GLN B 247 -16.13 16.49 -3.16
C GLN B 247 -17.40 17.34 -3.19
N LEU B 248 -17.38 18.50 -2.54
CA LEU B 248 -18.49 19.45 -2.65
C LEU B 248 -18.42 20.11 -4.02
N GLY B 249 -19.56 20.30 -4.67
CA GLY B 249 -20.82 19.73 -4.26
C GLY B 249 -21.19 18.78 -5.39
N GLN B 250 -20.50 17.65 -5.43
CA GLN B 250 -20.73 16.68 -6.48
C GLN B 250 -21.45 15.47 -5.88
N GLU B 251 -21.95 14.60 -6.74
CA GLU B 251 -22.57 13.37 -6.25
C GLU B 251 -21.69 12.15 -6.54
N PRO B 252 -22.00 11.02 -5.89
CA PRO B 252 -21.26 9.78 -6.16
C PRO B 252 -21.42 9.41 -7.63
N PRO B 253 -20.44 8.67 -8.19
CA PRO B 253 -20.57 8.23 -9.59
C PRO B 253 -21.92 7.57 -9.83
N GLU B 254 -22.47 7.82 -11.01
CA GLU B 254 -23.78 7.29 -11.37
C GLU B 254 -23.82 5.76 -11.26
N TRP B 255 -22.76 5.10 -11.66
CA TRP B 255 -22.73 3.63 -11.64
C TRP B 255 -22.89 3.10 -10.22
N VAL B 256 -22.39 3.83 -9.23
CA VAL B 256 -22.55 3.38 -7.85
C VAL B 256 -23.98 3.55 -7.37
N ARG B 257 -24.62 4.65 -7.77
CA ARG B 257 -26.01 4.89 -7.41
C ARG B 257 -26.87 3.76 -7.94
N GLU B 258 -26.66 3.41 -9.20
CA GLU B 258 -27.44 2.38 -9.83
C GLU B 258 -27.24 1.03 -9.15
N LEU B 259 -25.98 0.69 -8.87
CA LEU B 259 -25.68 -0.62 -8.29
C LEU B 259 -26.34 -0.80 -6.92
N VAL B 260 -26.17 0.16 -6.03
CA VAL B 260 -26.68 0.02 -4.67
C VAL B 260 -28.21 0.07 -4.62
N GLY B 261 -28.83 0.45 -5.74
CA GLY B 261 -30.27 0.45 -5.85
C GLY B 261 -30.82 -0.76 -6.60
N SER B 262 -29.95 -1.71 -6.90
CA SER B 262 -30.34 -2.85 -7.73
C SER B 262 -30.74 -4.06 -6.89
N HIS B 263 -31.45 -4.99 -7.51
CA HIS B 263 -31.86 -6.23 -6.87
C HIS B 263 -30.68 -7.11 -6.45
N LEU B 264 -29.46 -6.77 -6.86
CA LEU B 264 -28.31 -7.58 -6.51
C LEU B 264 -27.84 -7.36 -5.08
N VAL B 265 -28.28 -6.25 -4.48
CA VAL B 265 -27.87 -5.93 -3.12
C VAL B 265 -29.08 -5.59 -2.25
N GLU B 266 -28.88 -5.67 -0.95
CA GLU B 266 -29.94 -5.40 -0.01
C GLU B 266 -29.39 -4.52 1.11
N PRO B 267 -29.77 -3.23 1.13
CA PRO B 267 -29.23 -2.27 2.10
C PRO B 267 -29.52 -2.69 3.54
N VAL B 268 -28.50 -2.71 4.39
CA VAL B 268 -28.67 -2.94 5.82
C VAL B 268 -27.83 -1.91 6.58
N PRO B 269 -28.33 -0.67 6.65
CA PRO B 269 -27.68 0.47 7.29
C PRO B 269 -27.17 0.11 8.68
N LYS B 270 -25.90 0.40 8.93
CA LYS B 270 -25.30 0.13 10.23
C LYS B 270 -25.30 -1.35 10.64
N PHE B 271 -25.33 -2.26 9.66
CA PHE B 271 -25.08 -3.65 9.97
C PHE B 271 -23.77 -3.71 10.75
N SER B 272 -23.71 -4.58 11.75
CA SER B 272 -22.51 -4.73 12.55
C SER B 272 -22.20 -6.20 12.82
N LYS B 273 -21.00 -6.63 12.47
CA LYS B 273 -20.62 -8.02 12.67
C LYS B 273 -20.58 -8.34 14.15
N PHE B 274 -20.07 -7.39 14.93
CA PHE B 274 -19.99 -7.53 16.38
C PHE B 274 -21.39 -7.77 16.95
N ILE B 275 -22.30 -6.86 16.69
CA ILE B 275 -23.67 -6.97 17.15
C ILE B 275 -24.38 -8.25 16.64
N HIS B 276 -24.17 -8.58 15.37
CA HIS B 276 -24.83 -9.76 14.84
C HIS B 276 -24.37 -11.06 15.49
N GLY B 277 -23.07 -11.14 15.78
CA GLY B 277 -22.50 -12.35 16.35
C GLY B 277 -22.96 -12.54 17.79
N VAL B 278 -23.05 -11.43 18.52
CA VAL B 278 -23.47 -11.54 19.91
C VAL B 278 -24.93 -11.95 19.99
N ALA B 279 -25.77 -11.24 19.26
CA ALA B 279 -27.20 -11.51 19.25
C ALA B 279 -27.50 -12.95 18.83
N THR B 280 -26.73 -13.49 17.90
CA THR B 280 -26.99 -14.84 17.41
C THR B 280 -26.43 -15.93 18.33
N LEU B 281 -25.19 -15.77 18.75
CA LEU B 281 -24.50 -16.78 19.52
C LEU B 281 -24.95 -16.82 20.98
N LEU B 282 -25.29 -15.66 21.53
CA LEU B 282 -25.75 -15.59 22.91
C LEU B 282 -27.22 -15.19 22.97
N ASN B 283 -28.05 -15.87 22.19
CA ASN B 283 -29.46 -15.47 22.06
C ASN B 283 -30.28 -15.71 23.32
N ASP B 284 -29.80 -16.58 24.19
CA ASP B 284 -30.51 -16.88 25.42
C ASP B 284 -30.03 -15.97 26.53
N LYS B 285 -29.23 -14.98 26.15
CA LYS B 285 -28.63 -14.07 27.11
C LYS B 285 -28.96 -12.61 26.79
N VAL B 286 -29.33 -12.32 25.54
CA VAL B 286 -29.72 -10.95 25.17
C VAL B 286 -31.23 -10.79 25.03
N ASP B 287 -31.76 -9.66 25.51
CA ASP B 287 -33.18 -9.35 25.34
C ASP B 287 -33.38 -8.05 24.56
N SER B 288 -32.40 -7.75 23.71
CA SER B 288 -32.52 -6.68 22.72
C SER B 288 -31.72 -7.04 21.48
N ILE B 289 -32.41 -7.06 20.33
CA ILE B 289 -31.83 -7.61 19.11
C ILE B 289 -31.91 -6.60 17.96
N PRO B 290 -30.88 -6.59 17.09
CA PRO B 290 -30.82 -5.60 16.01
C PRO B 290 -32.03 -5.68 15.10
N PHE B 291 -32.42 -4.58 14.48
CA PHE B 291 -33.54 -4.60 13.54
C PHE B 291 -33.44 -5.72 12.49
N TRP B 292 -32.30 -5.83 11.80
CA TRP B 292 -32.14 -6.81 10.70
C TRP B 292 -32.40 -8.27 11.09
N LEU B 293 -32.64 -8.53 12.37
CA LEU B 293 -32.97 -9.87 12.85
C LEU B 293 -34.48 -9.97 13.16
N PRO B 294 -34.92 -11.09 13.76
CA PRO B 294 -36.31 -11.24 14.21
C PRO B 294 -36.96 -9.92 14.63
PG ANP C . 12.91 5.20 -17.49
O1G ANP C . 12.40 6.15 -18.49
O2G ANP C . 14.51 5.21 -17.67
O3G ANP C . 12.72 3.64 -17.68
PB ANP C . 11.74 4.67 -14.91
O1B ANP C . 11.69 5.64 -13.66
O2B ANP C . 10.53 4.26 -15.66
N3B ANP C . 12.58 5.66 -15.94
PA ANP C . 12.17 1.95 -13.88
O1A ANP C . 11.17 1.48 -15.00
O2A ANP C . 11.27 1.77 -12.61
O3A ANP C . 12.52 3.43 -14.28
O5' ANP C . 13.47 1.26 -13.81
MN MN D . 10.83 2.49 -16.98
S SO4 E . 11.59 2.77 5.42
O1 SO4 E . 10.30 2.11 5.26
O2 SO4 E . 11.42 4.04 6.15
O3 SO4 E . 12.52 1.90 6.15
O4 SO4 E . 12.13 3.04 4.09
S SO4 F . 24.15 1.78 11.56
O1 SO4 F . 23.38 1.61 10.33
O2 SO4 F . 23.26 1.76 12.73
O3 SO4 F . 25.13 0.70 11.67
O4 SO4 F . 24.87 3.06 11.54
S SO4 G . 30.96 24.66 -4.85
O1 SO4 G . 31.14 23.32 -5.41
O2 SO4 G . 29.60 24.77 -4.34
O3 SO4 G . 31.94 24.88 -3.78
O4 SO4 G . 31.17 25.66 -5.90
NA NA H . 18.50 7.29 8.03
PG ANP I . -18.11 -3.98 11.03
O1G ANP I . -17.64 -2.71 10.45
O2G ANP I . -18.43 -3.69 12.58
O3G ANP I . -19.54 -4.56 10.65
PB ANP I . -15.72 -4.86 9.83
O1B ANP I . -16.54 -4.62 8.49
O2B ANP I . -14.83 -6.02 10.06
N3B ANP I . -16.95 -5.17 10.92
PA ANP I . -13.78 -2.69 9.21
O1A ANP I . -14.46 -2.17 7.88
O2A ANP I . -12.62 -3.55 8.61
O3A ANP I . -14.97 -3.45 9.94
O5' ANP I . -13.34 -1.69 10.21
MN MN J . -16.88 -2.48 7.92
S SO4 K . 10.43 -6.52 22.06
O1 SO4 K . 8.98 -6.64 21.86
O2 SO4 K . 10.70 -6.38 23.49
O3 SO4 K . 11.12 -7.69 21.53
O4 SO4 K . 10.89 -5.33 21.35
S SO4 L . -21.31 4.65 13.82
O1 SO4 L . -20.96 3.24 13.73
O2 SO4 L . -22.76 4.79 13.71
O3 SO4 L . -20.82 5.14 15.12
O4 SO4 L . -20.69 5.40 12.75
S SO4 M . 3.80 -10.03 10.80
O1 SO4 M . 3.79 -9.79 9.36
O2 SO4 M . 2.54 -9.51 11.35
O3 SO4 M . 3.88 -11.46 11.08
O4 SO4 M . 4.94 -9.34 11.43
#